data_5AIM
#
_entry.id   5AIM
#
_cell.length_a   129.090
_cell.length_b   129.090
_cell.length_c   68.040
_cell.angle_alpha   90.00
_cell.angle_beta   90.00
_cell.angle_gamma   120.00
#
_symmetry.space_group_name_H-M   'H 3 2'
#
loop_
_entity.id
_entity.type
_entity.pdbx_description
1 polymer 'TRANSCRIPTION FACTOR TAU 138 KDA SUBUNIT'
2 non-polymer GLYCEROL
3 water water
#
_entity_poly.entity_id   1
_entity_poly.type   'polypeptide(L)'
_entity_poly.pdbx_seq_one_letter_code
;GAMASARSLRSLQRQRAILKVMNTIGGVAYLREQFYESVSKYMGSTTTLDKKTVRGDVDLMVESEKLGARTEPVSGRKII
FLPTVGEDAIQRYILKEKDS
;
_entity_poly.pdbx_strand_id   A,B
#
loop_
_chem_comp.id
_chem_comp.type
_chem_comp.name
_chem_comp.formula
GOL non-polymer GLYCEROL 'C3 H8 O3'
#
# COMPACT_ATOMS: atom_id res chain seq x y z
N ALA A 2 -34.15 6.38 0.49
CA ALA A 2 -33.84 7.20 1.66
C ALA A 2 -32.65 6.64 2.42
N MET A 3 -31.51 7.29 2.27
CA MET A 3 -30.26 6.81 2.83
C MET A 3 -30.08 7.22 4.30
N ALA A 4 -29.99 6.22 5.17
CA ALA A 4 -29.71 6.44 6.58
C ALA A 4 -28.31 7.02 6.78
N SER A 5 -28.16 7.86 7.81
CA SER A 5 -26.90 8.54 8.07
CA SER A 5 -26.90 8.54 8.09
C SER A 5 -25.73 7.58 8.27
N ALA A 6 -25.99 6.43 8.91
CA ALA A 6 -24.93 5.46 9.16
C ALA A 6 -24.33 4.94 7.86
N ARG A 7 -25.22 4.72 6.88
CA ARG A 7 -24.80 4.25 5.56
C ARG A 7 -23.91 5.30 4.86
N SER A 8 -24.36 6.55 4.93
CA SER A 8 -23.57 7.66 4.38
C SER A 8 -22.18 7.73 5.05
N LEU A 9 -22.17 7.59 6.37
CA LEU A 9 -20.92 7.56 7.12
C LEU A 9 -20.01 6.41 6.67
N ARG A 10 -20.59 5.24 6.43
CA ARG A 10 -19.80 4.13 5.91
CA ARG A 10 -19.80 4.12 5.90
C ARG A 10 -19.21 4.44 4.52
N SER A 11 -19.99 5.09 3.66
CA SER A 11 -19.45 5.54 2.38
C SER A 11 -18.23 6.46 2.57
N LEU A 12 -18.35 7.43 3.47
CA LEU A 12 -17.20 8.30 3.75
C LEU A 12 -15.99 7.53 4.30
N GLN A 13 -16.24 6.57 5.18
CA GLN A 13 -15.16 5.73 5.70
C GLN A 13 -14.44 5.00 4.55
N ARG A 14 -15.22 4.43 3.64
CA ARG A 14 -14.63 3.74 2.50
C ARG A 14 -13.83 4.70 1.60
N GLN A 15 -14.34 5.91 1.38
CA GLN A 15 -13.57 6.91 0.65
C GLN A 15 -12.24 7.28 1.35
N ARG A 16 -12.27 7.45 2.67
CA ARG A 16 -11.03 7.68 3.40
C ARG A 16 -10.04 6.53 3.19
N ALA A 17 -10.56 5.30 3.24
CA ALA A 17 -9.71 4.12 3.03
C ALA A 17 -9.09 4.11 1.64
N ILE A 18 -9.91 4.35 0.62
CA ILE A 18 -9.41 4.42 -0.76
C ILE A 18 -8.30 5.46 -0.86
N LEU A 19 -8.53 6.63 -0.30
CA LEU A 19 -7.52 7.67 -0.33
C LEU A 19 -6.20 7.28 0.36
N LYS A 20 -6.31 6.73 1.57
CA LYS A 20 -5.11 6.30 2.31
C LYS A 20 -4.34 5.20 1.57
N VAL A 21 -5.07 4.24 1.04
CA VAL A 21 -4.45 3.16 0.27
C VAL A 21 -3.77 3.73 -0.97
N MET A 22 -4.45 4.63 -1.67
CA MET A 22 -3.83 5.23 -2.85
C MET A 22 -2.53 5.95 -2.50
N ASN A 23 -2.52 6.69 -1.40
CA ASN A 23 -1.25 7.29 -0.97
C ASN A 23 -0.19 6.23 -0.65
N THR A 24 -0.61 5.20 0.07
CA THR A 24 0.33 4.15 0.49
C THR A 24 0.98 3.42 -0.69
N ILE A 25 0.20 3.09 -1.72
CA ILE A 25 0.72 2.29 -2.82
C ILE A 25 1.40 3.07 -3.95
N GLY A 26 1.56 4.39 -3.76
CA GLY A 26 2.37 5.19 -4.66
C GLY A 26 1.59 6.12 -5.57
N GLY A 27 0.28 6.16 -5.41
CA GLY A 27 -0.54 7.17 -6.05
C GLY A 27 -1.14 6.80 -7.40
N VAL A 28 -0.87 5.58 -7.87
CA VAL A 28 -1.37 5.11 -9.16
C VAL A 28 -1.76 3.65 -9.00
N ALA A 29 -2.92 3.27 -9.53
CA ALA A 29 -3.34 1.88 -9.47
C ALA A 29 -4.30 1.53 -10.59
N TYR A 30 -4.16 0.33 -11.14
CA TYR A 30 -5.21 -0.24 -11.97
C TYR A 30 -6.38 -0.64 -11.09
N LEU A 31 -7.59 -0.37 -11.57
CA LEU A 31 -8.79 -0.78 -10.88
C LEU A 31 -9.07 -2.23 -11.21
N ARG A 32 -8.68 -3.10 -10.28
CA ARG A 32 -8.76 -4.53 -10.45
C ARG A 32 -8.66 -5.18 -9.07
N GLU A 33 -8.73 -6.50 -9.03
CA GLU A 33 -8.79 -7.23 -7.75
C GLU A 33 -7.72 -6.83 -6.74
N GLN A 34 -6.47 -6.69 -7.19
CA GLN A 34 -5.36 -6.35 -6.29
C GLN A 34 -5.67 -5.07 -5.50
N PHE A 35 -6.21 -4.07 -6.19
CA PHE A 35 -6.53 -2.81 -5.53
C PHE A 35 -7.63 -2.99 -4.49
N TYR A 36 -8.72 -3.63 -4.90
CA TYR A 36 -9.83 -3.83 -3.98
C TYR A 36 -9.41 -4.66 -2.77
N GLU A 37 -8.53 -5.64 -2.99
N GLU A 37 -8.55 -5.64 -3.00
CA GLU A 37 -8.03 -6.46 -1.91
CA GLU A 37 -8.02 -6.46 -1.91
C GLU A 37 -7.22 -5.59 -0.94
C GLU A 37 -7.24 -5.57 -0.94
N SER A 38 -6.39 -4.70 -1.48
CA SER A 38 -5.66 -3.76 -0.63
C SER A 38 -6.61 -2.89 0.22
N VAL A 39 -7.65 -2.35 -0.39
CA VAL A 39 -8.62 -1.57 0.39
C VAL A 39 -9.27 -2.43 1.47
N SER A 40 -9.66 -3.66 1.12
CA SER A 40 -10.28 -4.55 2.11
CA SER A 40 -10.26 -4.56 2.09
C SER A 40 -9.32 -4.83 3.27
N LYS A 41 -8.07 -5.15 2.95
N LYS A 41 -8.07 -5.14 2.97
CA LYS A 41 -7.05 -5.40 3.95
CA LYS A 41 -7.09 -5.43 4.02
C LYS A 41 -6.85 -4.21 4.87
C LYS A 41 -6.81 -4.20 4.89
N TYR A 42 -6.72 -3.03 4.28
CA TYR A 42 -6.55 -1.80 5.06
C TYR A 42 -7.69 -1.61 6.08
N MET A 43 -8.91 -1.92 5.66
CA MET A 43 -10.08 -1.70 6.51
C MET A 43 -10.31 -2.84 7.50
N GLY A 44 -9.51 -3.89 7.40
CA GLY A 44 -9.61 -5.02 8.32
C GLY A 44 -10.36 -6.20 7.74
N SER A 45 -10.66 -6.13 6.44
CA SER A 45 -11.35 -7.19 5.70
C SER A 45 -12.81 -7.34 6.11
N THR A 48 -13.46 -9.57 -0.42
CA THR A 48 -13.88 -8.77 -1.56
C THR A 48 -15.02 -9.44 -2.32
N LEU A 49 -15.86 -10.17 -1.60
CA LEU A 49 -17.00 -10.85 -2.21
C LEU A 49 -18.01 -9.82 -2.73
N ASP A 50 -17.95 -8.60 -2.19
CA ASP A 50 -18.85 -7.52 -2.59
C ASP A 50 -18.25 -6.72 -3.76
N LYS A 51 -17.34 -5.80 -3.45
CA LYS A 51 -16.64 -4.97 -4.44
C LYS A 51 -17.50 -3.91 -5.14
N LYS A 52 -18.77 -4.22 -5.41
CA LYS A 52 -19.71 -3.23 -5.93
C LYS A 52 -19.73 -2.00 -5.02
N THR A 53 -19.77 -2.28 -3.72
CA THR A 53 -19.86 -1.25 -2.70
C THR A 53 -18.62 -0.33 -2.75
N VAL A 54 -17.42 -0.90 -2.76
CA VAL A 54 -16.22 -0.08 -2.83
C VAL A 54 -16.10 0.64 -4.19
N ARG A 55 -16.46 -0.05 -5.27
CA ARG A 55 -16.44 0.56 -6.59
C ARG A 55 -17.32 1.82 -6.62
N GLY A 56 -18.50 1.73 -6.02
CA GLY A 56 -19.36 2.91 -5.91
C GLY A 56 -18.64 4.14 -5.35
N ASP A 57 -17.86 3.93 -4.31
CA ASP A 57 -17.14 5.02 -3.66
C ASP A 57 -15.93 5.48 -4.46
N VAL A 58 -15.27 4.54 -5.14
CA VAL A 58 -14.27 4.94 -6.12
C VAL A 58 -14.91 5.91 -7.14
N ASP A 59 -16.10 5.54 -7.64
CA ASP A 59 -16.78 6.36 -8.62
C ASP A 59 -17.12 7.74 -8.05
N LEU A 60 -17.64 7.77 -6.82
CA LEU A 60 -17.89 9.06 -6.18
C LEU A 60 -16.62 9.90 -6.15
N MET A 61 -15.50 9.28 -5.82
CA MET A 61 -14.24 10.00 -5.79
C MET A 61 -13.74 10.48 -7.15
N VAL A 62 -13.92 9.67 -8.19
CA VAL A 62 -13.55 10.12 -9.52
C VAL A 62 -14.42 11.30 -9.95
N GLU A 63 -15.73 11.20 -9.71
CA GLU A 63 -16.62 12.26 -10.17
C GLU A 63 -16.40 13.58 -9.44
N SER A 64 -15.97 13.53 -8.18
CA SER A 64 -15.70 14.74 -7.42
C SER A 64 -14.24 15.21 -7.57
N GLU A 65 -13.50 14.48 -8.39
CA GLU A 65 -12.12 14.84 -8.77
C GLU A 65 -11.10 14.65 -7.64
N LYS A 66 -11.45 13.83 -6.65
CA LYS A 66 -10.50 13.42 -5.63
C LYS A 66 -9.52 12.41 -6.23
N LEU A 67 -9.97 11.72 -7.27
CA LEU A 67 -9.13 10.81 -8.04
C LEU A 67 -9.24 11.14 -9.50
N GLY A 68 -8.12 10.99 -10.22
CA GLY A 68 -8.14 10.99 -11.67
C GLY A 68 -8.36 9.57 -12.14
N ALA A 69 -8.94 9.44 -13.34
CA ALA A 69 -9.20 8.13 -13.92
C ALA A 69 -9.07 8.18 -15.43
N ARG A 70 -8.48 7.13 -16.01
CA ARG A 70 -8.47 7.03 -17.47
C ARG A 70 -8.18 5.62 -17.94
N THR A 71 -8.62 5.30 -19.15
CA THR A 71 -8.37 4.00 -19.72
C THR A 71 -7.00 3.97 -20.34
N GLU A 72 -6.22 2.97 -19.96
CA GLU A 72 -4.91 2.74 -20.57
C GLU A 72 -5.16 2.01 -21.88
N PRO A 73 -4.83 2.66 -23.01
CA PRO A 73 -5.33 2.15 -24.30
C PRO A 73 -4.74 0.82 -24.76
N VAL A 74 -3.51 0.51 -24.38
CA VAL A 74 -2.88 -0.72 -24.86
C VAL A 74 -3.52 -1.93 -24.19
N SER A 75 -3.72 -1.85 -22.89
CA SER A 75 -4.27 -2.98 -22.11
C SER A 75 -5.78 -2.90 -21.94
N GLY A 76 -6.34 -1.71 -22.03
CA GLY A 76 -7.77 -1.51 -21.80
C GLY A 76 -8.15 -1.48 -20.32
N ARG A 77 -7.16 -1.49 -19.44
CA ARG A 77 -7.44 -1.43 -18.01
C ARG A 77 -7.71 0.01 -17.58
N LYS A 78 -8.50 0.18 -16.52
CA LYS A 78 -8.78 1.51 -16.00
C LYS A 78 -7.75 1.87 -14.94
N ILE A 79 -7.11 3.02 -15.11
CA ILE A 79 -6.16 3.54 -14.13
C ILE A 79 -6.84 4.60 -13.29
N ILE A 80 -6.67 4.50 -11.98
CA ILE A 80 -6.99 5.61 -11.08
C ILE A 80 -5.71 6.15 -10.48
N PHE A 81 -5.72 7.43 -10.16
CA PHE A 81 -4.52 8.07 -9.64
C PHE A 81 -4.85 9.29 -8.79
N LEU A 82 -3.96 9.59 -7.85
CA LEU A 82 -4.02 10.85 -7.13
C LEU A 82 -3.73 11.96 -8.14
N PRO A 83 -4.62 12.96 -8.23
CA PRO A 83 -4.51 13.95 -9.31
C PRO A 83 -3.16 14.64 -9.44
N THR A 84 -2.39 14.72 -8.36
CA THR A 84 -1.12 15.45 -8.38
C THR A 84 0.11 14.54 -8.42
N VAL A 85 -0.09 13.24 -8.67
CA VAL A 85 1.01 12.28 -8.61
C VAL A 85 2.05 12.52 -9.69
N GLY A 86 1.63 13.06 -10.83
CA GLY A 86 2.53 13.35 -11.94
C GLY A 86 2.50 12.29 -13.02
N GLU A 87 2.55 12.72 -14.27
CA GLU A 87 2.41 11.80 -15.40
CA GLU A 87 2.41 11.80 -15.40
C GLU A 87 3.61 10.85 -15.50
N ASP A 88 4.76 11.28 -15.03
CA ASP A 88 5.93 10.41 -15.02
C ASP A 88 5.65 9.13 -14.22
N ALA A 89 5.07 9.31 -13.03
CA ALA A 89 4.73 8.18 -12.17
C ALA A 89 3.68 7.28 -12.82
N ILE A 90 2.69 7.91 -13.47
CA ILE A 90 1.64 7.15 -14.13
C ILE A 90 2.26 6.29 -15.24
N GLN A 91 3.08 6.91 -16.08
CA GLN A 91 3.70 6.16 -17.17
C GLN A 91 4.66 5.09 -16.65
N ARG A 92 5.39 5.39 -15.58
CA ARG A 92 6.27 4.40 -14.97
C ARG A 92 5.45 3.20 -14.50
N TYR A 93 4.32 3.47 -13.86
CA TYR A 93 3.42 2.40 -13.43
C TYR A 93 2.89 1.59 -14.63
N ILE A 94 2.43 2.28 -15.66
CA ILE A 94 1.93 1.58 -16.86
C ILE A 94 3.02 0.68 -17.44
N LEU A 95 4.23 1.21 -17.53
CA LEU A 95 5.36 0.45 -18.06
C LEU A 95 5.68 -0.76 -17.19
N LYS A 96 5.72 -0.55 -15.88
CA LYS A 96 6.02 -1.65 -14.94
C LYS A 96 5.01 -2.79 -14.99
N GLU A 97 3.74 -2.44 -15.14
CA GLU A 97 2.66 -3.42 -15.12
C GLU A 97 2.32 -3.93 -16.52
N LYS A 98 3.16 -3.59 -17.49
CA LYS A 98 2.92 -3.96 -18.88
C LYS A 98 2.94 -5.47 -19.06
N ALA B 2 20.46 6.42 25.93
CA ALA B 2 20.49 7.74 25.31
C ALA B 2 19.15 8.08 24.64
N MET B 3 18.32 7.06 24.43
CA MET B 3 17.07 7.24 23.70
C MET B 3 16.01 7.98 24.51
N ALA B 4 15.63 9.16 24.03
CA ALA B 4 14.50 9.89 24.62
C ALA B 4 13.22 9.09 24.39
N SER B 5 12.25 9.24 25.30
CA SER B 5 10.99 8.52 25.25
C SER B 5 10.26 8.74 23.90
N ALA B 6 10.28 9.99 23.44
CA ALA B 6 9.62 10.34 22.18
C ALA B 6 10.20 9.56 21.00
N ARG B 7 11.52 9.37 21.03
CA ARG B 7 12.19 8.66 19.95
C ARG B 7 11.79 7.17 19.96
N SER B 8 11.78 6.59 21.17
CA SER B 8 11.30 5.22 21.34
C SER B 8 9.86 5.08 20.82
N LEU B 9 9.01 6.04 21.18
CA LEU B 9 7.64 6.02 20.69
C LEU B 9 7.58 6.07 19.16
N ARG B 10 8.38 6.95 18.56
CA ARG B 10 8.45 6.99 17.10
C ARG B 10 8.85 5.63 16.51
N SER B 11 9.84 4.98 17.11
CA SER B 11 10.16 3.61 16.67
C SER B 11 8.94 2.67 16.75
N LEU B 12 8.25 2.66 17.88
CA LEU B 12 7.06 1.82 18.02
C LEU B 12 5.98 2.11 16.94
N GLN B 13 5.78 3.40 16.67
CA GLN B 13 4.78 3.81 15.68
CA GLN B 13 4.80 3.83 15.67
C GLN B 13 5.22 3.40 14.27
N ARG B 14 6.50 3.52 13.95
CA ARG B 14 7.00 3.06 12.65
C ARG B 14 6.83 1.54 12.51
N GLN B 15 7.13 0.79 13.57
CA GLN B 15 6.92 -0.68 13.51
C GLN B 15 5.45 -1.04 13.22
N ARG B 16 4.55 -0.36 13.93
CA ARG B 16 3.12 -0.53 13.68
C ARG B 16 2.76 -0.24 12.22
N ALA B 17 3.21 0.92 11.72
CA ALA B 17 2.96 1.29 10.33
C ALA B 17 3.52 0.24 9.35
N ILE B 18 4.72 -0.27 9.62
CA ILE B 18 5.30 -1.32 8.78
C ILE B 18 4.36 -2.52 8.70
N LEU B 19 3.87 -2.99 9.85
CA LEU B 19 2.89 -4.08 9.83
C LEU B 19 1.62 -3.75 9.01
N LYS B 20 1.07 -2.57 9.26
CA LYS B 20 -0.17 -2.19 8.56
C LYS B 20 0.03 -2.11 7.04
N VAL B 21 1.16 -1.53 6.64
CA VAL B 21 1.50 -1.39 5.23
C VAL B 21 1.67 -2.76 4.62
N MET B 22 2.43 -3.62 5.30
CA MET B 22 2.64 -4.97 4.79
C MET B 22 1.33 -5.69 4.58
N ASN B 23 0.41 -5.59 5.53
CA ASN B 23 -0.91 -6.17 5.36
CA ASN B 23 -0.90 -6.18 5.35
C ASN B 23 -1.61 -5.59 4.12
N THR B 24 -1.60 -4.26 4.00
CA THR B 24 -2.24 -3.61 2.85
C THR B 24 -1.70 -4.04 1.47
N ILE B 25 -0.38 -4.14 1.35
CA ILE B 25 0.25 -4.44 0.06
C ILE B 25 0.49 -5.92 -0.26
N GLY B 26 -0.02 -6.83 0.56
CA GLY B 26 -0.02 -8.25 0.21
C GLY B 26 0.97 -9.11 0.98
N GLY B 27 1.66 -8.54 1.95
CA GLY B 27 2.43 -9.32 2.91
C GLY B 27 3.87 -9.62 2.54
N VAL B 28 4.32 -9.11 1.40
CA VAL B 28 5.68 -9.36 0.93
C VAL B 28 6.22 -8.08 0.31
N ALA B 29 7.47 -7.73 0.61
CA ALA B 29 8.06 -6.53 0.02
C ALA B 29 9.58 -6.57 0.00
N TYR B 30 10.17 -6.04 -1.06
CA TYR B 30 11.60 -5.79 -1.08
C TYR B 30 11.93 -4.54 -0.26
N LEU B 31 13.05 -4.58 0.45
CA LEU B 31 13.55 -3.41 1.15
C LEU B 31 14.24 -2.49 0.16
N ARG B 32 13.52 -1.44 -0.22
CA ARG B 32 13.98 -0.47 -1.20
C ARG B 32 13.12 0.77 -1.05
N GLU B 33 13.44 1.81 -1.82
CA GLU B 33 12.81 3.12 -1.72
C GLU B 33 11.27 3.06 -1.77
N GLN B 34 10.73 2.25 -2.67
CA GLN B 34 9.29 2.12 -2.84
C GLN B 34 8.61 1.77 -1.51
N PHE B 35 9.19 0.82 -0.81
CA PHE B 35 8.64 0.41 0.47
C PHE B 35 8.75 1.51 1.53
N TYR B 36 9.89 2.17 1.60
CA TYR B 36 10.10 3.22 2.58
C TYR B 36 9.11 4.34 2.34
N GLU B 37 8.88 4.64 1.06
CA GLU B 37 7.90 5.65 0.67
CA GLU B 37 7.90 5.65 0.66
C GLU B 37 6.49 5.25 1.10
N SER B 38 6.14 3.98 0.87
CA SER B 38 4.83 3.49 1.35
C SER B 38 4.65 3.71 2.85
N VAL B 39 5.67 3.34 3.63
CA VAL B 39 5.58 3.54 5.09
C VAL B 39 5.45 5.02 5.41
N SER B 40 6.26 5.86 4.77
CA SER B 40 6.20 7.31 4.99
C SER B 40 4.80 7.87 4.72
N LYS B 41 4.24 7.50 3.59
CA LYS B 41 2.92 7.97 3.19
C LYS B 41 1.82 7.46 4.11
N TYR B 42 1.89 6.19 4.51
CA TYR B 42 0.91 5.64 5.44
C TYR B 42 0.87 6.47 6.71
N MET B 43 2.04 6.91 7.17
CA MET B 43 2.13 7.63 8.44
C MET B 43 1.85 9.12 8.30
N GLY B 44 1.71 9.59 7.06
CA GLY B 44 1.44 10.99 6.80
C GLY B 44 2.68 11.85 6.98
N SER B 45 3.84 11.23 6.86
CA SER B 45 5.11 11.95 7.00
C SER B 45 5.30 12.93 5.84
N THR B 46 5.85 14.09 6.16
CA THR B 46 6.09 15.14 5.17
C THR B 46 7.07 14.67 4.12
N THR B 47 8.24 14.22 4.57
CA THR B 47 9.30 13.77 3.67
C THR B 47 9.49 12.27 3.83
N THR B 48 10.06 11.63 2.80
CA THR B 48 10.35 10.21 2.87
C THR B 48 11.26 9.94 4.05
N LEU B 49 10.80 9.09 4.95
CA LEU B 49 11.58 8.71 6.14
C LEU B 49 12.95 8.24 5.70
N ASP B 50 13.97 8.65 6.44
CA ASP B 50 15.34 8.20 6.18
C ASP B 50 15.32 6.69 6.10
N LYS B 51 16.02 6.15 5.10
CA LYS B 51 15.99 4.72 4.84
C LYS B 51 16.60 3.93 6.00
N LYS B 52 17.71 4.42 6.54
CA LYS B 52 18.38 3.79 7.67
C LYS B 52 17.41 3.71 8.86
N THR B 53 16.62 4.76 9.04
CA THR B 53 15.65 4.83 10.13
C THR B 53 14.62 3.72 10.03
N VAL B 54 13.97 3.61 8.87
CA VAL B 54 12.96 2.58 8.67
C VAL B 54 13.63 1.20 8.78
N ARG B 55 14.83 1.10 8.23
CA ARG B 55 15.55 -0.16 8.25
C ARG B 55 15.89 -0.65 9.67
N GLY B 56 16.29 0.26 10.55
CA GLY B 56 16.52 -0.11 11.94
C GLY B 56 15.32 -0.80 12.58
N ASP B 57 14.14 -0.26 12.30
CA ASP B 57 12.92 -0.81 12.86
C ASP B 57 12.53 -2.12 12.17
N VAL B 58 12.72 -2.16 10.86
CA VAL B 58 12.56 -3.44 10.17
C VAL B 58 13.45 -4.49 10.84
N ASP B 59 14.69 -4.12 11.14
CA ASP B 59 15.62 -5.05 11.77
C ASP B 59 15.15 -5.46 13.16
N LEU B 60 14.67 -4.51 13.94
CA LEU B 60 14.07 -4.87 15.24
C LEU B 60 12.93 -5.87 15.08
N MET B 61 12.10 -5.66 14.07
CA MET B 61 10.99 -6.58 13.82
C MET B 61 11.42 -7.96 13.34
N VAL B 62 12.43 -8.00 12.47
CA VAL B 62 12.97 -9.29 12.04
C VAL B 62 13.56 -10.02 13.24
N GLU B 63 14.32 -9.31 14.07
CA GLU B 63 14.94 -9.96 15.23
C GLU B 63 13.93 -10.48 16.25
N SER B 64 12.80 -9.81 16.39
CA SER B 64 11.76 -10.25 17.33
C SER B 64 10.70 -11.14 16.66
N GLU B 65 10.95 -11.51 15.41
CA GLU B 65 10.14 -12.47 14.65
C GLU B 65 8.75 -11.94 14.26
N LYS B 66 8.59 -10.63 14.30
CA LYS B 66 7.38 -9.99 13.79
C LYS B 66 7.38 -10.01 12.26
N LEU B 67 8.57 -10.09 11.66
CA LEU B 67 8.72 -10.19 10.21
C LEU B 67 9.70 -11.30 9.92
N GLY B 68 9.52 -11.91 8.75
CA GLY B 68 10.53 -12.78 8.18
C GLY B 68 11.35 -11.97 7.19
N ALA B 69 12.60 -12.37 6.99
CA ALA B 69 13.48 -11.70 6.06
C ALA B 69 14.42 -12.69 5.42
N ARG B 70 14.75 -12.45 4.16
CA ARG B 70 15.78 -13.24 3.51
C ARG B 70 16.39 -12.47 2.37
N THR B 71 17.55 -12.92 1.92
CA THR B 71 18.14 -12.36 0.71
C THR B 71 17.62 -13.15 -0.47
N GLU B 72 17.14 -12.43 -1.48
CA GLU B 72 16.65 -13.03 -2.71
C GLU B 72 17.83 -13.02 -3.68
N PRO B 73 18.46 -14.19 -3.88
CA PRO B 73 19.76 -14.24 -4.54
C PRO B 73 19.71 -13.93 -6.04
N VAL B 74 18.56 -14.14 -6.67
CA VAL B 74 18.43 -13.91 -8.10
C VAL B 74 18.52 -12.42 -8.43
N SER B 75 17.79 -11.59 -7.68
CA SER B 75 17.76 -10.16 -7.91
C SER B 75 18.76 -9.43 -7.02
N GLY B 76 19.26 -10.12 -6.00
CA GLY B 76 20.21 -9.54 -5.07
C GLY B 76 19.62 -8.53 -4.10
N ARG B 77 18.32 -8.66 -3.80
CA ARG B 77 17.64 -7.74 -2.90
CA ARG B 77 17.64 -7.74 -2.90
C ARG B 77 17.28 -8.43 -1.59
N LYS B 78 17.05 -7.64 -0.55
CA LYS B 78 16.56 -8.16 0.72
C LYS B 78 15.04 -8.09 0.69
N ILE B 79 14.40 -9.21 1.02
CA ILE B 79 12.95 -9.29 1.03
C ILE B 79 12.45 -9.51 2.46
N ILE B 80 11.36 -8.83 2.81
CA ILE B 80 10.68 -9.06 4.08
C ILE B 80 9.26 -9.55 3.83
N PHE B 81 8.71 -10.26 4.80
CA PHE B 81 7.37 -10.80 4.65
C PHE B 81 6.73 -11.02 6.01
N LEU B 82 5.40 -10.95 6.02
CA LEU B 82 4.67 -11.35 7.20
C LEU B 82 4.91 -12.84 7.39
N PRO B 83 5.27 -13.27 8.61
CA PRO B 83 5.70 -14.67 8.79
C PRO B 83 4.69 -15.74 8.35
N THR B 84 3.41 -15.41 8.30
CA THR B 84 2.40 -16.41 7.98
C THR B 84 1.95 -16.40 6.51
N VAL B 85 2.61 -15.61 5.66
CA VAL B 85 2.13 -15.43 4.29
C VAL B 85 2.28 -16.67 3.40
N GLY B 86 3.29 -17.49 3.66
CA GLY B 86 3.47 -18.72 2.90
C GLY B 86 4.39 -18.60 1.70
N GLU B 87 5.06 -19.70 1.38
CA GLU B 87 6.11 -19.67 0.36
C GLU B 87 5.58 -19.32 -1.03
N ASP B 88 4.41 -19.84 -1.38
CA ASP B 88 3.82 -19.55 -2.69
C ASP B 88 3.68 -18.05 -2.92
N ALA B 89 3.15 -17.34 -1.93
CA ALA B 89 2.96 -15.90 -2.03
C ALA B 89 4.30 -15.15 -2.20
N ILE B 90 5.28 -15.58 -1.41
CA ILE B 90 6.61 -14.96 -1.49
C ILE B 90 7.16 -15.16 -2.90
N GLN B 91 7.10 -16.39 -3.40
CA GLN B 91 7.66 -16.70 -4.71
C GLN B 91 6.92 -15.98 -5.84
N ARG B 92 5.59 -15.91 -5.74
CA ARG B 92 4.80 -15.18 -6.72
C ARG B 92 5.20 -13.70 -6.74
N TYR B 93 5.37 -13.11 -5.55
CA TYR B 93 5.87 -11.73 -5.48
C TYR B 93 7.23 -11.59 -6.14
N ILE B 94 8.16 -12.50 -5.82
CA ILE B 94 9.49 -12.45 -6.41
C ILE B 94 9.42 -12.50 -7.94
N LEU B 95 8.61 -13.43 -8.46
CA LEU B 95 8.47 -13.52 -9.92
C LEU B 95 7.85 -12.26 -10.53
N LYS B 96 6.79 -11.75 -9.90
CA LYS B 96 6.16 -10.53 -10.39
C LYS B 96 7.14 -9.36 -10.48
N GLU B 97 8.06 -9.28 -9.52
CA GLU B 97 8.98 -8.15 -9.41
C GLU B 97 10.36 -8.42 -10.03
N LYS B 98 10.49 -9.47 -10.82
CA LYS B 98 11.81 -9.87 -11.31
C LYS B 98 12.38 -8.86 -12.31
N ASP B 99 13.71 -8.84 -12.42
CA ASP B 99 14.39 -7.91 -13.31
C ASP B 99 14.23 -8.33 -14.77
C1 GOL C . -23.44 -1.74 3.13
O1 GOL C . -23.42 -1.95 4.53
C2 GOL C . -24.04 -0.39 2.80
O2 GOL C . -23.37 0.60 3.56
C3 GOL C . -23.89 -0.10 1.31
O3 GOL C . -24.62 1.05 0.97
H11 GOL C . -22.43 -1.80 2.75
H12 GOL C . -24.02 -2.53 2.65
HO1 GOL C . -23.10 -2.85 4.72
H2 GOL C . -25.10 -0.40 3.06
HO2 GOL C . -22.42 0.61 3.32
H31 GOL C . -22.83 0.05 1.08
H32 GOL C . -24.24 -0.96 0.74
HO3 GOL C . -24.15 1.85 1.26
C1 GOL D . 15.27 8.54 14.06
O1 GOL D . 16.67 8.65 14.11
C2 GOL D . 14.64 9.91 13.85
O2 GOL D . 13.90 9.93 12.64
C3 GOL D . 13.74 10.24 15.02
O3 GOL D . 12.68 9.30 15.07
H11 GOL D . 14.98 7.88 13.24
H12 GOL D . 14.91 8.11 14.99
HO1 GOL D . 17.06 7.78 14.31
H2 GOL D . 15.44 10.66 13.81
HO2 GOL D . 13.18 9.28 12.70
H31 GOL D . 14.31 10.20 15.95
H32 GOL D . 13.33 11.24 14.91
HO3 GOL D . 12.90 8.61 15.72
#